data_7Q6J
#
_entry.id   7Q6J
#
_cell.length_a   72.710
_cell.length_b   115.880
_cell.length_c   116.180
_cell.angle_alpha   90.000
_cell.angle_beta   90.000
_cell.angle_gamma   90.000
#
_symmetry.space_group_name_H-M   'P 21 21 21'
#
loop_
_entity.id
_entity.type
_entity.pdbx_description
1 polymer 'Ganglioside-induced differentiation-associated protein 1'
2 non-polymer DI(HYDROXYETHYL)ETHER
3 water water
#
_entity_poly.entity_id   1
_entity_poly.type   'polypeptide(L)'
_entity_poly.pdbx_seq_one_letter_code
;EVKLILYHWTHSFSSQKVRLVIAEKALKCEEHDVSLPLSEHNEPWFMRLNSTGEVPVLIHGENIICEATQIIDYLEQTFL
DERTPRLMPDKESMYYPRVQRYRELLDSLPMDAYTHGCILHPELTVDSMIPAYATTRIRSQIGNTESELKKLAEENPDLQ
EAYIAKQKRLKSKLLDHDNVKYLKKILDELEKVLDQVETELQRRNEETPEEGQQPWLCGESFTLADVSLAVTLHRLKFLG
FARRNWGNGKRPNLETYYERVLKRKTFNKVLGHVNNILIS
;
_entity_poly.pdbx_strand_id   A,B
#
loop_
_chem_comp.id
_chem_comp.type
_chem_comp.name
_chem_comp.formula
PEG non-polymer DI(HYDROXYETHYL)ETHER 'C4 H10 O3'
#
# COMPACT_ATOMS: atom_id res chain seq x y z
N GLU A 1 9.12 14.45 -19.36
CA GLU A 1 8.07 13.76 -20.12
C GLU A 1 7.76 12.44 -19.40
N VAL A 2 6.71 12.48 -18.59
CA VAL A 2 6.29 11.39 -17.69
C VAL A 2 7.49 10.82 -16.94
N LYS A 3 7.77 11.40 -15.79
CA LYS A 3 8.84 10.95 -14.93
C LYS A 3 8.44 9.66 -14.21
N LEU A 4 9.42 8.81 -13.99
CA LEU A 4 9.35 7.74 -13.00
C LEU A 4 9.85 8.28 -11.68
N ILE A 5 9.03 8.16 -10.64
CA ILE A 5 9.37 8.65 -9.30
C ILE A 5 9.21 7.47 -8.35
N LEU A 6 10.24 7.22 -7.53
CA LEU A 6 10.22 6.18 -6.51
C LEU A 6 10.53 6.79 -5.16
N TYR A 7 9.69 6.48 -4.18
CA TYR A 7 9.99 6.78 -2.79
C TYR A 7 10.25 5.46 -2.09
N HIS A 8 11.28 5.40 -1.26
CA HIS A 8 11.73 4.12 -0.73
C HIS A 8 12.69 4.38 0.40
N TRP A 9 13.09 3.29 1.07
N TRP A 9 13.02 3.30 1.13
CA TRP A 9 14.17 3.32 2.03
CA TRP A 9 14.14 3.27 2.08
C TRP A 9 15.30 2.44 1.53
C TRP A 9 15.29 2.46 1.47
N THR A 10 16.48 3.05 1.41
CA THR A 10 17.65 2.38 0.87
C THR A 10 17.89 0.98 1.41
N HIS A 11 17.86 0.82 2.72
CA HIS A 11 18.23 -0.46 3.30
C HIS A 11 17.05 -1.39 3.46
N SER A 12 15.88 -1.02 2.99
CA SER A 12 14.78 -1.97 3.07
C SER A 12 14.92 -2.99 1.95
N PHE A 13 14.67 -4.25 2.30
CA PHE A 13 14.73 -5.38 1.40
C PHE A 13 13.86 -5.19 0.17
N SER A 14 12.61 -4.73 0.36
N SER A 14 12.61 -4.74 0.37
CA SER A 14 11.72 -4.53 -0.78
CA SER A 14 11.72 -4.52 -0.78
C SER A 14 12.24 -3.44 -1.71
C SER A 14 12.28 -3.46 -1.71
N SER A 15 12.79 -2.37 -1.14
CA SER A 15 13.33 -1.31 -1.97
C SER A 15 14.49 -1.82 -2.82
N GLN A 16 15.33 -2.69 -2.26
CA GLN A 16 16.49 -3.17 -2.98
C GLN A 16 16.10 -3.94 -4.24
N LYS A 17 15.07 -4.79 -4.15
CA LYS A 17 14.59 -5.51 -5.31
C LYS A 17 14.11 -4.57 -6.37
N VAL A 18 13.34 -3.56 -5.95
CA VAL A 18 12.84 -2.57 -6.92
C VAL A 18 13.97 -1.84 -7.61
N ARG A 19 14.92 -1.33 -6.83
CA ARG A 19 15.95 -0.50 -7.47
C ARG A 19 16.86 -1.33 -8.37
N LEU A 20 17.03 -2.62 -8.07
CA LEU A 20 17.83 -3.48 -8.92
C LEU A 20 17.09 -3.77 -10.20
N VAL A 21 15.76 -3.92 -10.13
CA VAL A 21 14.97 -4.09 -11.37
C VAL A 21 15.12 -2.86 -12.24
N ILE A 22 15.02 -1.70 -11.64
CA ILE A 22 15.15 -0.46 -12.42
C ILE A 22 16.50 -0.42 -13.11
N ALA A 23 17.56 -0.80 -12.40
CA ALA A 23 18.88 -0.73 -13.01
C ALA A 23 19.05 -1.80 -14.08
N GLU A 24 18.43 -2.96 -13.90
CA GLU A 24 18.59 -4.02 -14.87
C GLU A 24 17.82 -3.73 -16.14
N LYS A 25 16.77 -2.93 -16.05
CA LYS A 25 16.03 -2.45 -17.22
C LYS A 25 16.55 -1.12 -17.70
N ALA A 26 17.57 -0.56 -17.07
CA ALA A 26 18.19 0.67 -17.55
C ALA A 26 17.16 1.80 -17.61
N LEU A 27 16.26 1.87 -16.63
CA LEU A 27 15.28 2.95 -16.63
C LEU A 27 15.81 4.20 -15.93
N LYS A 28 15.41 5.36 -16.44
CA LYS A 28 15.65 6.63 -15.75
C LYS A 28 14.57 6.82 -14.69
N CYS A 29 15.01 6.97 -13.44
CA CYS A 29 14.10 7.09 -12.31
C CYS A 29 14.63 8.09 -11.30
N GLU A 30 13.73 8.94 -10.80
CA GLU A 30 14.00 9.91 -9.74
C GLU A 30 13.70 9.24 -8.41
N GLU A 31 14.73 8.79 -7.70
CA GLU A 31 14.59 7.95 -6.52
C GLU A 31 14.76 8.81 -5.29
N HIS A 32 13.79 8.74 -4.35
CA HIS A 32 13.85 9.48 -3.09
C HIS A 32 14.06 8.48 -1.97
N ASP A 33 15.26 8.44 -1.39
CA ASP A 33 15.48 7.68 -0.17
C ASP A 33 14.95 8.55 0.95
N VAL A 34 13.85 8.14 1.56
CA VAL A 34 13.27 8.97 2.60
C VAL A 34 13.79 8.62 3.98
N SER A 35 14.69 7.65 4.08
CA SER A 35 15.20 7.27 5.40
C SER A 35 16.18 8.31 5.92
N LEU A 36 16.22 8.43 7.22
CA LEU A 36 17.07 9.40 7.89
C LEU A 36 18.35 8.75 8.36
N PRO A 37 19.45 9.49 8.28
CA PRO A 37 20.72 8.92 8.77
C PRO A 37 20.64 8.53 10.23
N LEU A 38 20.01 9.35 11.06
CA LEU A 38 19.78 9.05 12.46
C LEU A 38 18.33 9.31 12.81
N SER A 39 17.75 8.39 13.58
CA SER A 39 16.41 8.50 14.12
C SER A 39 16.36 9.50 15.27
N GLU A 40 15.15 9.68 15.80
CA GLU A 40 14.97 10.51 17.01
C GLU A 40 15.88 10.04 18.14
N HIS A 41 15.89 8.73 18.39
CA HIS A 41 16.69 8.14 19.45
C HIS A 41 18.12 7.83 19.02
N ASN A 42 18.69 8.65 18.14
CA ASN A 42 20.07 8.53 17.67
C ASN A 42 20.42 7.08 17.31
N GLU A 43 19.53 6.43 16.60
CA GLU A 43 19.84 5.12 16.09
C GLU A 43 20.09 5.18 14.57
N PRO A 44 21.12 4.49 14.09
CA PRO A 44 21.36 4.40 12.63
C PRO A 44 20.59 3.29 11.96
N TRP A 45 20.75 3.14 10.64
CA TRP A 45 19.88 2.24 9.89
C TRP A 45 19.96 0.80 10.40
N PHE A 46 21.14 0.36 10.77
CA PHE A 46 21.30 -1.03 11.16
C PHE A 46 20.77 -1.35 12.57
N MET A 47 20.18 -0.37 13.28
CA MET A 47 19.46 -0.62 14.52
C MET A 47 17.96 -0.46 14.37
N ARG A 48 17.46 -0.27 13.15
CA ARG A 48 16.06 0.02 12.89
C ARG A 48 15.53 -0.90 11.81
N LEU A 49 16.08 -2.10 11.78
CA LEU A 49 15.64 -3.08 10.80
C LEU A 49 14.38 -3.75 11.29
N ASN A 50 14.27 -3.86 12.62
CA ASN A 50 13.06 -4.35 13.26
C ASN A 50 11.92 -3.40 12.98
N SER A 51 12.20 -2.31 12.24
CA SER A 51 11.13 -1.50 11.71
C SER A 51 10.20 -2.44 10.96
N THR A 52 8.91 -2.13 11.02
CA THR A 52 7.85 -2.80 10.27
C THR A 52 7.03 -1.73 9.56
N GLY A 53 7.77 -0.85 8.89
CA GLY A 53 7.23 0.21 8.08
C GLY A 53 8.15 0.41 6.89
N GLU A 54 8.06 -0.44 5.86
CA GLU A 54 8.85 -0.21 4.63
C GLU A 54 8.13 -0.79 3.40
N VAL A 55 7.24 0.02 2.80
CA VAL A 55 6.65 -0.26 1.50
C VAL A 55 6.99 0.86 0.53
N PRO A 56 7.76 0.60 -0.49
CA PRO A 56 8.06 1.63 -1.48
C PRO A 56 6.85 1.96 -2.34
N VAL A 57 6.94 3.08 -3.04
CA VAL A 57 5.85 3.52 -3.90
C VAL A 57 6.46 4.12 -5.16
N LEU A 58 5.88 3.73 -6.31
CA LEU A 58 6.24 4.28 -7.61
C LEU A 58 5.07 5.14 -8.09
N ILE A 59 5.41 6.31 -8.60
CA ILE A 59 4.49 7.19 -9.30
C ILE A 59 4.98 7.29 -10.74
N HIS A 60 4.07 7.07 -11.67
CA HIS A 60 4.42 7.10 -13.08
C HIS A 60 3.22 7.65 -13.83
N GLY A 61 3.27 8.94 -14.13
CA GLY A 61 2.11 9.58 -14.71
C GLY A 61 0.93 9.49 -13.79
N GLU A 62 -0.14 8.94 -14.35
CA GLU A 62 -1.40 8.76 -13.65
C GLU A 62 -1.38 7.58 -12.68
N ASN A 63 -0.35 6.76 -12.68
CA ASN A 63 -0.36 5.52 -11.90
C ASN A 63 0.42 5.65 -10.58
N ILE A 64 -0.13 5.03 -9.54
CA ILE A 64 0.47 4.99 -8.21
C ILE A 64 0.44 3.52 -7.81
N ILE A 65 1.60 2.96 -7.56
CA ILE A 65 1.71 1.55 -7.26
C ILE A 65 2.58 1.40 -6.03
N CYS A 66 2.08 0.68 -5.03
CA CYS A 66 2.77 0.43 -3.77
C CYS A 66 3.22 -1.03 -3.73
N GLU A 67 4.30 -1.28 -2.99
CA GLU A 67 4.82 -2.63 -2.71
C GLU A 67 5.64 -3.16 -3.85
N ALA A 68 6.69 -3.91 -3.48
CA ALA A 68 7.73 -4.28 -4.41
C ALA A 68 7.23 -5.17 -5.53
N THR A 69 6.50 -6.22 -5.21
CA THR A 69 6.06 -7.12 -6.26
C THR A 69 5.19 -6.41 -7.27
N GLN A 70 4.25 -5.59 -6.78
CA GLN A 70 3.34 -4.90 -7.69
C GLN A 70 4.09 -3.88 -8.52
N ILE A 71 5.03 -3.15 -7.92
CA ILE A 71 5.81 -2.18 -8.67
C ILE A 71 6.63 -2.88 -9.74
N ILE A 72 7.28 -3.98 -9.37
CA ILE A 72 8.12 -4.69 -10.34
C ILE A 72 7.28 -5.22 -11.47
N ASP A 73 6.08 -5.77 -11.16
CA ASP A 73 5.20 -6.24 -12.25
C ASP A 73 4.83 -5.09 -13.16
N TYR A 74 4.59 -3.91 -12.60
CA TYR A 74 4.23 -2.75 -13.41
C TYR A 74 5.37 -2.36 -14.35
N LEU A 75 6.60 -2.32 -13.82
CA LEU A 75 7.74 -1.98 -14.65
C LEU A 75 7.87 -2.92 -15.82
N GLU A 76 7.69 -4.23 -15.57
CA GLU A 76 7.87 -5.20 -16.62
C GLU A 76 6.77 -5.05 -17.68
N GLN A 77 5.51 -4.85 -17.26
CA GLN A 77 4.42 -4.70 -18.25
C GLN A 77 4.45 -3.35 -19.00
N THR A 78 5.03 -2.30 -18.43
CA THR A 78 4.89 -0.96 -18.98
C THR A 78 6.02 -0.53 -19.91
N PHE A 79 7.25 -0.94 -19.67
CA PHE A 79 8.40 -0.37 -20.38
C PHE A 79 8.89 -1.33 -21.45
N LEU A 80 8.32 -1.19 -22.64
CA LEU A 80 8.41 -2.20 -23.67
C LEU A 80 9.24 -1.76 -24.88
N ASP A 81 9.93 -0.64 -24.82
CA ASP A 81 10.88 -0.28 -25.86
C ASP A 81 11.80 -1.44 -26.16
N GLU A 82 12.26 -1.51 -27.41
CA GLU A 82 13.10 -2.63 -27.82
C GLU A 82 14.50 -2.58 -27.19
N ARG A 83 14.98 -1.40 -26.81
CA ARG A 83 16.22 -1.27 -26.06
C ARG A 83 16.06 -1.70 -24.58
N THR A 84 14.86 -2.00 -24.09
CA THR A 84 14.67 -2.23 -22.66
C THR A 84 14.71 -3.72 -22.33
N PRO A 85 15.72 -4.20 -21.61
CA PRO A 85 15.74 -5.63 -21.28
C PRO A 85 14.43 -6.09 -20.62
N ARG A 86 13.93 -7.24 -21.09
CA ARG A 86 12.87 -7.97 -20.39
C ARG A 86 13.52 -8.90 -19.37
N LEU A 87 12.90 -9.01 -18.19
CA LEU A 87 13.36 -9.80 -17.06
C LEU A 87 12.47 -10.98 -16.80
N MET A 88 11.41 -11.15 -17.57
CA MET A 88 10.57 -12.33 -17.61
C MET A 88 10.53 -12.85 -19.03
N PRO A 89 10.45 -14.16 -19.22
CA PRO A 89 10.19 -14.70 -20.56
C PRO A 89 8.78 -14.34 -21.01
N ASP A 90 8.53 -14.51 -22.30
CA ASP A 90 7.17 -14.35 -22.81
C ASP A 90 6.27 -15.38 -22.16
N LYS A 91 5.01 -15.01 -21.94
CA LYS A 91 4.11 -15.90 -21.21
C LYS A 91 3.89 -17.22 -21.94
N GLU A 92 4.20 -17.29 -23.23
CA GLU A 92 4.07 -18.53 -23.97
C GLU A 92 5.41 -19.23 -24.17
N SER A 93 6.45 -18.82 -23.46
CA SER A 93 7.74 -19.46 -23.58
C SER A 93 7.79 -20.74 -22.77
N MET A 94 8.52 -21.73 -23.26
CA MET A 94 8.73 -22.93 -22.46
C MET A 94 9.34 -22.55 -21.12
N TYR A 95 10.09 -21.44 -21.06
CA TYR A 95 10.76 -21.04 -19.85
C TYR A 95 9.91 -20.25 -18.87
N TYR A 96 8.74 -19.74 -19.27
CA TYR A 96 8.00 -18.90 -18.33
C TYR A 96 7.71 -19.62 -17.03
N PRO A 97 7.22 -20.86 -17.06
CA PRO A 97 6.83 -21.50 -15.80
C PRO A 97 7.97 -21.67 -14.81
N ARG A 98 9.19 -21.97 -15.30
CA ARG A 98 10.25 -22.20 -14.32
C ARG A 98 10.66 -20.87 -13.68
N VAL A 99 10.78 -19.81 -14.47
CA VAL A 99 11.07 -18.50 -13.89
C VAL A 99 9.98 -18.10 -12.87
N GLN A 100 8.72 -18.16 -13.26
CA GLN A 100 7.69 -17.73 -12.32
C GLN A 100 7.67 -18.63 -11.12
N ARG A 101 7.92 -19.93 -11.29
CA ARG A 101 7.91 -20.78 -10.10
C ARG A 101 8.98 -20.35 -9.09
N TYR A 102 10.19 -20.10 -9.55
CA TYR A 102 11.26 -19.77 -8.60
C TYR A 102 11.05 -18.39 -8.03
N ARG A 103 10.56 -17.47 -8.86
CA ARG A 103 10.32 -16.13 -8.38
C ARG A 103 9.36 -16.16 -7.21
N GLU A 104 8.27 -16.90 -7.35
CA GLU A 104 7.30 -16.99 -6.27
C GLU A 104 7.86 -17.76 -5.11
N LEU A 105 8.67 -18.79 -5.36
CA LEU A 105 9.26 -19.54 -4.26
C LEU A 105 10.15 -18.63 -3.43
N LEU A 106 10.97 -17.82 -4.07
CA LEU A 106 11.81 -16.93 -3.29
C LEU A 106 11.02 -15.82 -2.62
N ASP A 107 10.09 -15.18 -3.35
CA ASP A 107 9.33 -14.05 -2.79
C ASP A 107 8.42 -14.45 -1.63
N SER A 108 8.17 -15.75 -1.44
CA SER A 108 7.37 -16.23 -0.35
C SER A 108 8.16 -16.40 0.92
N LEU A 109 9.46 -16.24 0.88
CA LEU A 109 10.24 -16.43 2.09
C LEU A 109 9.94 -15.31 3.08
N PRO A 110 9.86 -15.62 4.38
CA PRO A 110 9.52 -14.61 5.42
C PRO A 110 10.72 -13.79 5.90
N MET A 111 11.12 -12.81 5.09
CA MET A 111 12.41 -12.17 5.36
C MET A 111 12.38 -11.35 6.62
N ASP A 112 11.25 -10.67 6.89
CA ASP A 112 11.10 -9.86 8.09
C ASP A 112 11.29 -10.70 9.33
N ALA A 113 10.84 -11.94 9.29
CA ALA A 113 10.96 -12.80 10.46
C ALA A 113 12.39 -13.27 10.64
N TYR A 114 13.11 -13.52 9.53
CA TYR A 114 14.55 -13.81 9.67
C TYR A 114 15.24 -12.63 10.33
N THR A 115 14.86 -11.41 9.96
CA THR A 115 15.62 -10.29 10.53
C THR A 115 15.28 -10.10 12.01
N HIS A 116 13.99 -10.18 12.37
N HIS A 116 13.99 -10.18 12.37
CA HIS A 116 13.63 -10.13 13.79
CA HIS A 116 13.61 -10.14 13.80
C HIS A 116 14.29 -11.27 14.54
C HIS A 116 14.29 -11.27 14.55
N GLY A 117 14.29 -12.47 13.95
CA GLY A 117 14.96 -13.60 14.58
C GLY A 117 16.44 -13.36 14.77
N CYS A 118 17.09 -12.75 13.76
CA CYS A 118 18.52 -12.42 13.89
C CYS A 118 18.80 -11.55 15.12
N ILE A 119 17.94 -10.58 15.39
CA ILE A 119 18.22 -9.65 16.48
C ILE A 119 17.82 -10.27 17.81
N LEU A 120 16.66 -10.93 17.85
CA LEU A 120 16.16 -11.51 19.09
C LEU A 120 16.99 -12.72 19.51
N HIS A 121 17.45 -13.52 18.56
CA HIS A 121 18.13 -14.77 18.85
C HIS A 121 19.42 -14.92 18.07
N PRO A 122 20.39 -14.08 18.37
CA PRO A 122 21.66 -14.12 17.63
C PRO A 122 22.42 -15.39 17.81
N GLU A 123 22.14 -16.19 18.84
CA GLU A 123 22.85 -17.48 18.98
C GLU A 123 22.65 -18.37 17.76
N LEU A 124 21.60 -18.13 16.99
CA LEU A 124 21.32 -18.94 15.82
C LEU A 124 21.97 -18.41 14.55
N THR A 125 22.72 -17.31 14.64
CA THR A 125 23.49 -16.78 13.51
C THR A 125 24.98 -17.14 13.63
N VAL A 126 25.68 -16.99 12.52
CA VAL A 126 27.13 -17.12 12.44
C VAL A 126 27.63 -15.96 11.60
N ASP A 127 28.48 -15.14 12.19
CA ASP A 127 29.07 -13.99 11.49
C ASP A 127 27.99 -13.03 11.05
N SER A 128 27.05 -12.78 11.95
CA SER A 128 26.11 -11.69 11.71
C SER A 128 26.81 -10.37 11.51
N MET A 129 26.29 -9.55 10.59
CA MET A 129 26.87 -8.23 10.32
C MET A 129 26.19 -7.10 11.13
N ILE A 130 25.30 -7.46 12.06
CA ILE A 130 24.64 -6.50 12.94
C ILE A 130 25.36 -6.50 14.27
N PRO A 131 25.79 -5.35 14.79
CA PRO A 131 26.50 -5.34 16.09
C PRO A 131 25.67 -5.97 17.20
N ALA A 132 26.37 -6.65 18.11
CA ALA A 132 25.74 -7.38 19.21
C ALA A 132 24.88 -6.45 20.07
N TYR A 133 25.25 -5.20 20.17
CA TYR A 133 24.49 -4.26 20.96
C TYR A 133 23.14 -3.88 20.35
N ALA A 134 22.81 -4.31 19.10
CA ALA A 134 21.41 -4.23 18.64
C ALA A 134 20.56 -5.31 19.29
N THR A 135 21.17 -6.41 19.73
CA THR A 135 20.42 -7.38 20.52
C THR A 135 20.08 -6.86 21.93
N THR A 136 21.04 -6.17 22.58
CA THR A 136 20.84 -5.80 23.99
C THR A 136 19.80 -4.69 24.12
N ARG A 137 19.68 -3.82 23.10
CA ARG A 137 18.69 -2.75 23.13
C ARG A 137 17.26 -3.30 23.00
N ILE A 138 17.07 -4.25 22.07
CA ILE A 138 15.77 -4.88 21.84
C ILE A 138 15.65 -6.11 22.75
N ALA A 162 8.24 -14.56 43.06
CA ALA A 162 7.57 -13.75 44.07
C ALA A 162 6.22 -13.28 43.54
N TYR A 163 5.23 -14.17 43.55
CA TYR A 163 3.89 -13.93 43.03
C TYR A 163 4.04 -13.53 41.55
N ILE A 164 3.59 -12.33 41.16
CA ILE A 164 3.60 -11.94 39.75
C ILE A 164 5.00 -11.98 39.19
N ALA A 165 6.03 -11.85 40.03
CA ALA A 165 7.40 -12.00 39.56
C ALA A 165 7.62 -13.36 38.91
N LYS A 166 6.91 -14.39 39.36
CA LYS A 166 6.99 -15.70 38.74
C LYS A 166 6.03 -15.83 37.57
N GLN A 167 4.85 -15.19 37.63
CA GLN A 167 3.93 -15.21 36.49
C GLN A 167 4.60 -14.66 35.23
N LYS A 168 5.15 -13.45 35.33
CA LYS A 168 5.76 -12.83 34.16
C LYS A 168 7.00 -13.59 33.71
N ARG A 169 7.81 -14.07 34.66
CA ARG A 169 8.94 -14.87 34.27
C ARG A 169 8.50 -16.08 33.43
N LEU A 170 7.47 -16.79 33.90
CA LEU A 170 7.04 -17.97 33.17
C LEU A 170 6.48 -17.59 31.81
N LYS A 171 5.70 -16.50 31.78
CA LYS A 171 5.08 -15.99 30.57
C LYS A 171 6.12 -15.63 29.51
N SER A 172 7.10 -14.80 29.87
CA SER A 172 8.19 -14.50 28.95
C SER A 172 8.96 -15.76 28.59
N LYS A 173 9.16 -16.67 29.56
CA LYS A 173 9.79 -17.93 29.20
C LYS A 173 8.99 -18.63 28.10
N LEU A 174 7.65 -18.67 28.21
CA LEU A 174 6.89 -19.38 27.18
C LEU A 174 6.96 -18.69 25.82
N LEU A 175 6.94 -17.34 25.79
CA LEU A 175 7.00 -16.62 24.53
C LEU A 175 8.29 -16.92 23.80
N ASP A 176 9.41 -16.86 24.52
CA ASP A 176 10.70 -17.17 23.94
C ASP A 176 10.75 -18.60 23.41
N HIS A 177 10.28 -19.57 24.19
CA HIS A 177 10.24 -20.94 23.70
C HIS A 177 9.46 -21.06 22.38
N ASP A 178 8.34 -20.34 22.27
CA ASP A 178 7.54 -20.47 21.05
C ASP A 178 8.20 -19.76 19.88
N ASN A 179 8.82 -18.61 20.11
CA ASN A 179 9.44 -17.87 19.02
C ASN A 179 10.70 -18.59 18.51
N VAL A 180 11.45 -19.23 19.40
CA VAL A 180 12.58 -20.04 18.94
C VAL A 180 12.07 -21.23 18.14
N LYS A 181 11.01 -21.86 18.58
CA LYS A 181 10.48 -22.97 17.80
C LYS A 181 10.08 -22.49 16.39
N TYR A 182 9.52 -21.28 16.32
CA TYR A 182 9.12 -20.69 15.05
C TYR A 182 10.35 -20.39 14.19
N LEU A 183 11.31 -19.66 14.72
CA LEU A 183 12.50 -19.31 13.96
C LEU A 183 13.17 -20.57 13.43
N LYS A 184 13.30 -21.57 14.28
CA LYS A 184 13.95 -22.77 13.82
C LYS A 184 13.13 -23.44 12.74
N LYS A 185 11.81 -23.28 12.81
CA LYS A 185 10.95 -23.89 11.79
C LYS A 185 11.19 -23.22 10.44
N ILE A 186 11.16 -21.88 10.41
CA ILE A 186 11.33 -21.26 9.10
C ILE A 186 12.79 -21.33 8.62
N LEU A 187 13.76 -21.50 9.52
CA LEU A 187 15.12 -21.69 9.04
C LEU A 187 15.27 -23.03 8.34
N ASP A 188 14.55 -24.06 8.80
CA ASP A 188 14.60 -25.32 8.06
C ASP A 188 13.88 -25.21 6.74
N GLU A 189 12.80 -24.43 6.69
CA GLU A 189 12.14 -24.19 5.42
C GLU A 189 13.01 -23.40 4.47
N LEU A 190 13.87 -22.52 4.98
CA LEU A 190 14.81 -21.84 4.10
C LEU A 190 15.76 -22.85 3.47
N GLU A 191 16.21 -23.83 4.26
CA GLU A 191 17.10 -24.85 3.73
C GLU A 191 16.45 -25.62 2.59
N LYS A 192 15.17 -25.93 2.71
CA LYS A 192 14.48 -26.65 1.65
C LYS A 192 14.39 -25.81 0.39
N VAL A 193 14.09 -24.52 0.52
CA VAL A 193 14.06 -23.68 -0.66
C VAL A 193 15.43 -23.64 -1.31
N LEU A 194 16.48 -23.56 -0.50
CA LEU A 194 17.79 -23.40 -1.07
C LEU A 194 18.32 -24.70 -1.62
N ASP A 195 17.84 -25.85 -1.11
CA ASP A 195 18.15 -27.10 -1.79
C ASP A 195 17.61 -27.09 -3.20
N GLN A 196 16.35 -26.71 -3.37
CA GLN A 196 15.81 -26.67 -4.72
C GLN A 196 16.64 -25.77 -5.63
N VAL A 197 17.03 -24.61 -5.13
CA VAL A 197 17.83 -23.67 -5.90
C VAL A 197 19.18 -24.31 -6.25
N GLU A 198 19.80 -25.02 -5.31
CA GLU A 198 21.09 -25.65 -5.60
C GLU A 198 20.94 -26.67 -6.72
N THR A 199 19.91 -27.50 -6.65
CA THR A 199 19.67 -28.47 -7.71
C THR A 199 19.46 -27.78 -9.05
N GLU A 200 18.70 -26.70 -9.05
CA GLU A 200 18.49 -25.99 -10.30
C GLU A 200 19.80 -25.45 -10.87
N LEU A 201 20.66 -24.93 -10.00
CA LEU A 201 21.96 -24.42 -10.45
C LEU A 201 22.91 -25.54 -10.88
N GLN A 202 22.75 -26.71 -10.29
CA GLN A 202 23.48 -27.88 -10.74
C GLN A 202 23.09 -28.23 -12.17
N ARG A 203 21.79 -28.19 -12.51
N ARG A 203 21.79 -28.17 -12.50
CA ARG A 203 21.38 -28.44 -13.88
CA ARG A 203 21.37 -28.44 -13.88
C ARG A 203 22.04 -27.43 -14.82
C ARG A 203 21.97 -27.42 -14.84
N ARG A 204 21.96 -26.14 -14.48
CA ARG A 204 22.58 -25.12 -15.34
C ARG A 204 24.07 -25.39 -15.57
N ASN A 205 24.77 -25.84 -14.54
CA ASN A 205 26.17 -26.12 -14.64
C ASN A 205 26.41 -27.30 -15.59
N GLU A 206 25.71 -28.42 -15.35
CA GLU A 206 25.78 -29.58 -16.24
C GLU A 206 25.56 -29.24 -17.71
N GLU A 207 24.62 -28.35 -17.97
CA GLU A 207 24.25 -27.94 -19.32
C GLU A 207 25.26 -27.01 -19.95
N THR A 208 26.15 -26.42 -19.20
CA THR A 208 26.99 -25.36 -19.76
C THR A 208 28.44 -25.78 -19.92
N PRO A 209 29.01 -25.60 -21.12
CA PRO A 209 30.47 -25.79 -21.32
C PRO A 209 31.26 -24.87 -20.41
N GLU A 210 32.24 -25.44 -19.70
CA GLU A 210 32.97 -24.70 -18.68
C GLU A 210 33.67 -23.46 -19.25
N GLU A 211 33.84 -23.39 -20.56
CA GLU A 211 34.28 -22.15 -21.18
C GLU A 211 33.18 -21.65 -22.11
N GLY A 212 32.62 -20.52 -21.77
CA GLY A 212 31.50 -19.98 -22.49
C GLY A 212 30.64 -19.17 -21.55
N GLN A 213 29.47 -18.79 -22.05
CA GLN A 213 28.64 -17.80 -21.35
C GLN A 213 27.89 -18.54 -20.23
N GLN A 214 28.22 -18.25 -18.98
CA GLN A 214 27.58 -18.98 -17.90
C GLN A 214 26.15 -18.46 -17.73
N PRO A 215 25.18 -19.34 -17.56
CA PRO A 215 23.81 -18.88 -17.34
C PRO A 215 23.54 -18.47 -15.90
N TRP A 216 22.35 -17.92 -15.72
CA TRP A 216 21.80 -17.53 -14.43
C TRP A 216 20.85 -18.63 -13.97
N LEU A 217 19.95 -18.33 -13.04
CA LEU A 217 19.24 -19.40 -12.34
C LEU A 217 18.43 -20.25 -13.30
N CYS A 218 17.69 -19.62 -14.21
CA CYS A 218 16.64 -20.23 -15.03
C CYS A 218 17.04 -20.34 -16.49
N GLY A 219 18.22 -19.89 -16.86
CA GLY A 219 18.67 -19.87 -18.25
C GLY A 219 19.71 -18.79 -18.39
N GLU A 220 19.95 -18.37 -19.61
CA GLU A 220 21.02 -17.43 -19.92
C GLU A 220 20.70 -16.02 -19.49
N SER A 221 19.44 -15.60 -19.58
CA SER A 221 19.12 -14.22 -19.21
C SER A 221 18.98 -14.09 -17.69
N PHE A 222 19.37 -12.92 -17.20
CA PHE A 222 19.07 -12.48 -15.84
C PHE A 222 17.58 -12.13 -15.72
N THR A 223 16.89 -12.77 -14.78
CA THR A 223 15.43 -12.63 -14.71
C THR A 223 15.01 -12.08 -13.34
N LEU A 224 13.71 -11.90 -13.17
CA LEU A 224 13.18 -11.53 -11.87
C LEU A 224 13.44 -12.60 -10.83
N ALA A 225 13.56 -13.85 -11.22
CA ALA A 225 13.88 -14.81 -10.17
C ALA A 225 15.30 -14.61 -9.65
N ASP A 226 16.22 -14.17 -10.53
CA ASP A 226 17.59 -13.86 -10.15
C ASP A 226 17.66 -12.65 -9.25
N VAL A 227 16.78 -11.66 -9.51
CA VAL A 227 16.70 -10.47 -8.67
C VAL A 227 16.34 -10.90 -7.25
N SER A 228 15.32 -11.72 -7.13
CA SER A 228 14.87 -12.16 -5.83
C SER A 228 15.93 -13.01 -5.15
N LEU A 229 16.58 -13.89 -5.89
CA LEU A 229 17.62 -14.73 -5.29
C LEU A 229 18.80 -13.89 -4.82
N ALA A 230 19.26 -12.98 -5.65
CA ALA A 230 20.43 -12.19 -5.31
C ALA A 230 20.18 -11.33 -4.09
N VAL A 231 19.04 -10.65 -4.04
CA VAL A 231 18.83 -9.76 -2.92
C VAL A 231 18.63 -10.58 -1.66
N THR A 232 17.99 -11.74 -1.80
CA THR A 232 17.77 -12.60 -0.65
C THR A 232 19.08 -13.09 -0.08
N LEU A 233 19.94 -13.65 -0.95
CA LEU A 233 21.24 -14.15 -0.49
C LEU A 233 22.02 -13.05 0.19
N HIS A 234 22.00 -11.84 -0.40
CA HIS A 234 22.79 -10.75 0.18
C HIS A 234 22.26 -10.35 1.57
N ARG A 235 20.94 -10.43 1.77
CA ARG A 235 20.36 -10.10 3.08
C ARG A 235 20.59 -11.21 4.10
N LEU A 236 20.58 -12.47 3.66
CA LEU A 236 20.92 -13.57 4.55
C LEU A 236 22.37 -13.45 5.03
N LYS A 237 23.27 -13.04 4.15
CA LYS A 237 24.65 -12.77 4.54
C LYS A 237 24.70 -11.74 5.65
N PHE A 238 24.01 -10.64 5.46
CA PHE A 238 23.98 -9.55 6.43
C PHE A 238 23.46 -10.04 7.78
N LEU A 239 22.48 -10.92 7.77
CA LEU A 239 21.90 -11.35 9.04
C LEU A 239 22.69 -12.47 9.69
N GLY A 240 23.62 -13.08 9.02
CA GLY A 240 24.33 -14.19 9.62
C GLY A 240 23.73 -15.54 9.35
N PHE A 241 22.96 -15.68 8.29
CA PHE A 241 22.32 -16.95 7.97
C PHE A 241 22.90 -17.56 6.70
N ALA A 242 24.05 -17.08 6.25
CA ALA A 242 24.73 -17.65 5.10
C ALA A 242 25.63 -18.83 5.42
N ARG A 243 26.41 -18.76 6.49
CA ARG A 243 27.36 -19.86 6.70
C ARG A 243 26.61 -21.15 7.02
N ARG A 244 25.45 -21.06 7.62
CA ARG A 244 24.63 -22.26 7.78
C ARG A 244 24.20 -22.84 6.44
N ASN A 245 24.10 -22.02 5.39
CA ASN A 245 23.43 -22.46 4.18
C ASN A 245 24.33 -22.64 2.97
N TRP A 246 25.48 -21.98 2.92
CA TRP A 246 26.46 -22.28 1.88
C TRP A 246 27.86 -21.92 2.37
N GLY A 247 28.86 -22.39 1.65
CA GLY A 247 30.24 -22.27 2.08
C GLY A 247 30.84 -23.57 2.61
N ASN A 248 32.17 -23.64 2.52
CA ASN A 248 32.96 -24.77 3.04
C ASN A 248 32.42 -26.12 2.59
N GLY A 249 32.14 -26.24 1.30
CA GLY A 249 31.57 -27.44 0.74
C GLY A 249 30.05 -27.55 0.76
N LYS A 250 29.34 -26.70 1.50
CA LYS A 250 27.89 -26.79 1.43
C LYS A 250 27.38 -25.95 0.26
N ARG A 251 26.42 -26.51 -0.49
CA ARG A 251 25.82 -25.87 -1.67
C ARG A 251 26.82 -25.06 -2.49
N PRO A 252 27.82 -25.71 -3.11
CA PRO A 252 28.85 -24.94 -3.82
C PRO A 252 28.34 -24.20 -5.03
N ASN A 253 27.28 -24.66 -5.71
CA ASN A 253 26.76 -23.87 -6.83
C ASN A 253 26.14 -22.57 -6.33
N LEU A 254 25.47 -22.62 -5.18
CA LEU A 254 24.88 -21.41 -4.61
C LEU A 254 25.96 -20.42 -4.22
N GLU A 255 27.05 -20.90 -3.65
CA GLU A 255 28.17 -20.02 -3.34
C GLU A 255 28.76 -19.36 -4.59
N THR A 256 28.97 -20.15 -5.65
CA THR A 256 29.51 -19.57 -6.88
C THR A 256 28.55 -18.50 -7.44
N TYR A 257 27.25 -18.80 -7.44
CA TYR A 257 26.25 -17.84 -7.89
C TYR A 257 26.37 -16.54 -7.10
N TYR A 258 26.43 -16.63 -5.78
CA TYR A 258 26.50 -15.43 -4.97
C TYR A 258 27.76 -14.63 -5.27
N GLU A 259 28.92 -15.28 -5.33
CA GLU A 259 30.14 -14.55 -5.67
C GLU A 259 30.03 -13.89 -7.04
N ARG A 260 29.37 -14.53 -7.98
CA ARG A 260 29.20 -13.95 -9.31
C ARG A 260 28.33 -12.72 -9.25
N VAL A 261 27.18 -12.83 -8.59
CA VAL A 261 26.29 -11.68 -8.57
C VAL A 261 26.90 -10.48 -7.84
N LEU A 262 27.75 -10.71 -6.84
CA LEU A 262 28.43 -9.56 -6.24
C LEU A 262 29.26 -8.78 -7.24
N LYS A 263 29.76 -9.45 -8.30
CA LYS A 263 30.57 -8.82 -9.34
C LYS A 263 29.74 -8.24 -10.48
N ARG A 264 28.45 -8.55 -10.54
CA ARG A 264 27.64 -7.96 -11.57
C ARG A 264 27.55 -6.45 -11.44
N LYS A 265 27.61 -5.76 -12.59
CA LYS A 265 27.82 -4.31 -12.54
C LYS A 265 26.61 -3.60 -11.95
N THR A 266 25.41 -3.97 -12.38
CA THR A 266 24.18 -3.37 -11.87
C THR A 266 24.03 -3.64 -10.38
N PHE A 267 24.22 -4.90 -9.96
CA PHE A 267 24.17 -5.22 -8.53
C PHE A 267 25.17 -4.37 -7.73
N ASN A 268 26.43 -4.34 -8.16
CA ASN A 268 27.43 -3.59 -7.39
C ASN A 268 27.07 -2.12 -7.36
N LYS A 269 26.56 -1.57 -8.46
CA LYS A 269 26.24 -0.15 -8.46
C LYS A 269 25.09 0.20 -7.50
N VAL A 270 24.09 -0.66 -7.39
CA VAL A 270 22.88 -0.34 -6.64
C VAL A 270 23.00 -0.82 -5.21
N LEU A 271 23.61 -1.98 -5.03
CA LEU A 271 23.63 -2.61 -3.73
C LEU A 271 25.02 -2.83 -3.16
N GLY A 272 26.06 -2.34 -3.82
CA GLY A 272 27.42 -2.66 -3.43
C GLY A 272 27.72 -2.36 -1.98
N HIS A 273 27.08 -1.33 -1.42
CA HIS A 273 27.37 -0.84 -0.09
C HIS A 273 26.26 -1.08 0.93
N VAL A 274 25.16 -1.74 0.57
CA VAL A 274 23.97 -1.77 1.43
C VAL A 274 24.12 -2.61 2.69
N ASN A 275 25.14 -3.44 2.76
CA ASN A 275 25.46 -4.20 3.95
C ASN A 275 26.56 -3.52 4.79
N ASN A 276 27.03 -2.36 4.36
CA ASN A 276 28.18 -1.74 5.00
C ASN A 276 27.68 -0.84 6.12
N ILE A 277 27.82 -1.26 7.37
CA ILE A 277 27.31 -0.42 8.46
C ILE A 277 28.12 0.85 8.68
N LEU A 278 29.23 1.03 7.99
CA LEU A 278 29.95 2.27 8.16
C LEU A 278 29.35 3.40 7.34
N ILE A 279 28.47 3.05 6.41
CA ILE A 279 27.97 3.99 5.41
C ILE A 279 26.55 4.26 5.82
N SER A 280 26.23 5.52 6.06
CA SER A 280 24.89 5.86 6.51
C SER A 280 23.88 5.61 5.37
N GLU B 1 9.27 22.39 8.15
CA GLU B 1 10.48 21.54 8.17
C GLU B 1 10.28 20.25 7.36
N VAL B 2 9.43 19.36 7.89
CA VAL B 2 9.18 18.03 7.33
C VAL B 2 7.93 18.14 6.48
N LYS B 3 8.07 17.97 5.17
CA LYS B 3 6.92 18.15 4.28
C LYS B 3 5.95 17.00 4.38
N LEU B 4 4.67 17.34 4.28
CA LEU B 4 3.59 16.41 3.97
C LEU B 4 3.37 16.41 2.47
N ILE B 5 3.40 15.24 1.86
CA ILE B 5 3.20 15.10 0.42
C ILE B 5 2.13 14.07 0.17
N LEU B 6 1.15 14.42 -0.68
CA LEU B 6 0.11 13.48 -1.09
C LEU B 6 0.07 13.35 -2.61
N TYR B 7 0.02 12.12 -3.08
CA TYR B 7 -0.26 11.80 -4.46
C TYR B 7 -1.61 11.11 -4.53
N HIS B 8 -2.47 11.54 -5.46
CA HIS B 8 -3.85 11.14 -5.41
C HIS B 8 -4.46 11.50 -6.77
N TRP B 9 -5.70 11.06 -6.99
CA TRP B 9 -6.54 11.51 -8.12
C TRP B 9 -7.72 12.30 -7.57
N THR B 10 -7.90 13.52 -8.05
CA THR B 10 -8.98 14.38 -7.59
C THR B 10 -10.32 13.65 -7.48
N HIS B 11 -10.69 12.89 -8.48
CA HIS B 11 -12.03 12.32 -8.48
C HIS B 11 -12.10 10.93 -7.88
N SER B 12 -11.03 10.41 -7.33
CA SER B 12 -11.18 9.14 -6.63
C SER B 12 -11.84 9.38 -5.26
N PHE B 13 -12.80 8.52 -4.93
CA PHE B 13 -13.57 8.60 -3.69
C PHE B 13 -12.67 8.49 -2.47
N SER B 14 -11.76 7.53 -2.49
CA SER B 14 -10.80 7.37 -1.38
C SER B 14 -10.09 8.68 -1.09
N SER B 15 -9.57 9.31 -2.15
CA SER B 15 -8.74 10.50 -2.01
C SER B 15 -9.52 11.67 -1.50
N GLN B 16 -10.77 11.80 -1.93
CA GLN B 16 -11.61 12.90 -1.46
C GLN B 16 -11.72 12.87 0.06
N LYS B 17 -11.86 11.67 0.65
CA LYS B 17 -11.90 11.53 2.12
C LYS B 17 -10.57 11.94 2.76
N VAL B 18 -9.45 11.51 2.15
CA VAL B 18 -8.15 11.92 2.65
C VAL B 18 -8.01 13.44 2.62
N ARG B 19 -8.36 14.06 1.49
N ARG B 19 -8.37 14.07 1.51
CA ARG B 19 -8.14 15.50 1.32
CA ARG B 19 -8.09 15.51 1.38
C ARG B 19 -8.98 16.29 2.30
C ARG B 19 -9.01 16.34 2.25
N LEU B 20 -10.20 15.84 2.57
CA LEU B 20 -11.08 16.57 3.48
C LEU B 20 -10.57 16.44 4.88
N VAL B 21 -10.05 15.27 5.24
CA VAL B 21 -9.42 15.13 6.55
C VAL B 21 -8.26 16.10 6.71
N ILE B 22 -7.44 16.22 5.68
CA ILE B 22 -6.28 17.11 5.80
C ILE B 22 -6.75 18.54 6.07
N ALA B 23 -7.79 18.97 5.36
CA ALA B 23 -8.27 20.33 5.49
C ALA B 23 -8.98 20.56 6.82
N GLU B 24 -9.64 19.51 7.36
CA GLU B 24 -10.34 19.62 8.64
C GLU B 24 -9.32 19.66 9.77
N LYS B 25 -8.15 19.08 9.58
CA LYS B 25 -7.08 19.21 10.54
C LYS B 25 -6.21 20.41 10.22
N ALA B 26 -6.53 21.16 9.18
CA ALA B 26 -5.78 22.39 8.88
C ALA B 26 -4.29 22.08 8.70
N LEU B 27 -3.98 20.95 8.08
CA LEU B 27 -2.60 20.61 7.81
C LEU B 27 -2.14 21.22 6.50
N LYS B 28 -0.89 21.67 6.47
CA LYS B 28 -0.28 22.11 5.22
C LYS B 28 0.22 20.88 4.48
N CYS B 29 -0.23 20.69 3.25
CA CYS B 29 0.13 19.51 2.47
C CYS B 29 0.35 19.87 1.00
N GLU B 30 1.41 19.31 0.44
CA GLU B 30 1.79 19.49 -0.96
C GLU B 30 1.07 18.37 -1.70
N GLU B 31 -0.07 18.72 -2.31
CA GLU B 31 -1.00 17.75 -2.90
C GLU B 31 -0.75 17.72 -4.39
N HIS B 32 -0.57 16.50 -4.92
CA HIS B 32 -0.32 16.27 -6.34
C HIS B 32 -1.43 15.45 -6.97
N ASP B 33 -2.28 16.07 -7.78
CA ASP B 33 -3.26 15.32 -8.58
C ASP B 33 -2.59 14.80 -9.85
N VAL B 34 -2.42 13.48 -9.94
CA VAL B 34 -1.72 12.89 -11.08
C VAL B 34 -2.65 12.48 -12.21
N SER B 35 -3.95 12.70 -12.08
CA SER B 35 -4.88 12.35 -13.14
C SER B 35 -4.78 13.35 -14.28
N LEU B 36 -5.03 12.91 -15.41
CA LEU B 36 -4.98 13.71 -16.63
C LEU B 36 -6.38 14.07 -17.11
N PRO B 37 -6.53 15.25 -17.71
CA PRO B 37 -7.87 15.66 -18.17
C PRO B 37 -8.48 14.68 -19.15
N LEU B 38 -7.67 14.16 -20.04
CA LEU B 38 -8.10 13.16 -21.00
C LEU B 38 -7.12 12.01 -20.98
N SER B 39 -7.66 10.80 -21.01
CA SER B 39 -6.92 9.56 -21.15
C SER B 39 -6.44 9.37 -22.59
N GLU B 40 -5.72 8.26 -22.81
CA GLU B 40 -5.30 7.87 -24.15
C GLU B 40 -6.48 7.79 -25.11
N HIS B 41 -7.57 7.15 -24.67
CA HIS B 41 -8.74 7.00 -25.52
C HIS B 41 -9.64 8.23 -25.50
N ASN B 42 -9.08 9.39 -25.15
N ASN B 42 -9.08 9.39 -25.11
CA ASN B 42 -9.79 10.67 -25.11
CA ASN B 42 -9.80 10.67 -25.15
C ASN B 42 -11.03 10.62 -24.22
C ASN B 42 -11.04 10.64 -24.25
N GLU B 43 -10.98 9.84 -23.17
CA GLU B 43 -12.02 9.75 -22.16
C GLU B 43 -11.78 10.75 -21.03
N PRO B 44 -12.81 11.46 -20.54
CA PRO B 44 -12.61 12.34 -19.37
C PRO B 44 -12.74 11.66 -18.04
N TRP B 45 -12.57 12.40 -16.95
CA TRP B 45 -12.51 11.75 -15.65
C TRP B 45 -13.74 10.92 -15.36
N PHE B 46 -14.91 11.39 -15.78
CA PHE B 46 -16.11 10.70 -15.29
C PHE B 46 -16.35 9.37 -16.00
N MET B 47 -15.59 9.05 -17.04
CA MET B 47 -15.65 7.76 -17.70
C MET B 47 -14.65 6.77 -17.13
N ARG B 48 -13.94 7.12 -16.07
CA ARG B 48 -12.78 6.35 -15.62
C ARG B 48 -12.81 6.13 -14.13
N LEU B 49 -13.99 6.07 -13.54
CA LEU B 49 -14.09 5.91 -12.10
C LEU B 49 -13.95 4.45 -11.69
N ASN B 50 -13.43 4.26 -10.48
CA ASN B 50 -13.29 2.93 -9.87
C ASN B 50 -12.58 1.97 -10.84
N SER B 51 -11.89 2.55 -11.82
CA SER B 51 -10.89 1.88 -12.62
C SER B 51 -9.54 1.81 -11.90
N THR B 52 -8.81 0.73 -12.17
CA THR B 52 -7.41 0.55 -11.76
C THR B 52 -7.27 -0.20 -10.43
N GLY B 53 -7.95 0.29 -9.38
CA GLY B 53 -7.83 -0.32 -8.07
C GLY B 53 -6.65 0.17 -7.27
N GLU B 54 -5.92 1.17 -7.78
CA GLU B 54 -4.81 1.79 -7.07
C GLU B 54 -5.31 2.60 -5.89
N VAL B 55 -4.35 3.01 -5.04
CA VAL B 55 -4.68 3.81 -3.87
C VAL B 55 -3.84 5.10 -3.79
N PRO B 56 -4.33 6.15 -3.15
CA PRO B 56 -3.48 7.31 -2.88
C PRO B 56 -2.36 6.95 -1.90
N VAL B 57 -1.39 7.84 -1.79
CA VAL B 57 -0.23 7.57 -0.93
C VAL B 57 0.22 8.88 -0.31
N LEU B 58 0.58 8.80 0.97
CA LEU B 58 1.15 9.92 1.70
C LEU B 58 2.62 9.65 2.00
N ILE B 59 3.45 10.66 1.84
CA ILE B 59 4.83 10.63 2.28
C ILE B 59 5.02 11.71 3.35
N HIS B 60 5.61 11.32 4.49
CA HIS B 60 5.78 12.30 5.58
C HIS B 60 7.09 11.99 6.27
N GLY B 61 8.11 12.76 5.97
CA GLY B 61 9.44 12.37 6.40
C GLY B 61 9.77 10.98 5.90
N GLU B 62 10.07 10.10 6.85
CA GLU B 62 10.40 8.71 6.61
C GLU B 62 9.23 7.79 6.37
N ASN B 63 7.99 8.21 6.56
CA ASN B 63 6.86 7.29 6.53
C ASN B 63 6.24 7.34 5.14
N ILE B 64 5.81 6.19 4.64
CA ILE B 64 5.11 6.08 3.36
C ILE B 64 3.86 5.28 3.64
N ILE B 65 2.70 5.87 3.42
CA ILE B 65 1.44 5.24 3.77
C ILE B 65 0.52 5.29 2.55
N CYS B 66 0.03 4.11 2.17
CA CYS B 66 -0.89 3.85 1.10
C CYS B 66 -2.28 3.50 1.63
N GLU B 67 -3.30 3.80 0.82
CA GLU B 67 -4.71 3.51 1.03
C GLU B 67 -5.31 4.55 1.97
N ALA B 68 -6.53 4.98 1.67
CA ALA B 68 -7.10 6.14 2.35
C ALA B 68 -7.23 5.92 3.85
N THR B 69 -7.76 4.76 4.24
CA THR B 69 -8.01 4.53 5.67
C THR B 69 -6.71 4.59 6.48
N GLN B 70 -5.67 3.94 5.99
CA GLN B 70 -4.40 3.98 6.69
C GLN B 70 -3.83 5.39 6.69
N ILE B 71 -3.95 6.12 5.58
CA ILE B 71 -3.43 7.49 5.59
C ILE B 71 -4.18 8.30 6.66
N ILE B 72 -5.50 8.16 6.69
CA ILE B 72 -6.30 8.94 7.65
C ILE B 72 -5.94 8.56 9.08
N ASP B 73 -5.80 7.25 9.35
CA ASP B 73 -5.35 6.82 10.68
C ASP B 73 -4.01 7.42 11.03
N TYR B 74 -3.09 7.43 10.07
CA TYR B 74 -1.75 7.98 10.34
C TYR B 74 -1.82 9.48 10.64
N LEU B 75 -2.64 10.22 9.91
CA LEU B 75 -2.74 11.64 10.16
C LEU B 75 -3.27 11.91 11.56
N GLU B 76 -4.25 11.12 12.02
CA GLU B 76 -4.85 11.37 13.32
C GLU B 76 -3.87 11.04 14.47
N GLN B 77 -3.20 9.89 14.40
CA GLN B 77 -2.22 9.54 15.44
C GLN B 77 -0.98 10.42 15.40
N THR B 78 -0.70 11.06 14.29
CA THR B 78 0.61 11.70 14.14
C THR B 78 0.62 13.20 14.46
N PHE B 79 -0.44 13.94 14.11
CA PHE B 79 -0.41 15.40 14.20
C PHE B 79 -1.21 15.82 15.43
N LEU B 80 -0.53 15.82 16.57
CA LEU B 80 -1.17 15.93 17.87
C LEU B 80 -0.91 17.27 18.55
N ASP B 81 -0.25 18.22 17.89
CA ASP B 81 -0.18 19.57 18.40
C ASP B 81 -1.57 20.01 18.85
N GLU B 82 -1.59 20.88 19.86
CA GLU B 82 -2.84 21.24 20.52
C GLU B 82 -3.76 22.04 19.62
N ARG B 83 -3.19 22.83 18.72
CA ARG B 83 -3.99 23.56 17.74
C ARG B 83 -4.56 22.69 16.62
N THR B 84 -4.28 21.40 16.57
CA THR B 84 -4.71 20.60 15.44
C THR B 84 -6.02 19.90 15.79
N PRO B 85 -7.15 20.27 15.17
CA PRO B 85 -8.42 19.60 15.53
C PRO B 85 -8.28 18.10 15.42
N ARG B 86 -8.72 17.44 16.48
CA ARG B 86 -8.91 16.01 16.46
C ARG B 86 -10.26 15.67 15.83
N LEU B 87 -10.28 14.55 15.11
CA LEU B 87 -11.44 14.03 14.40
C LEU B 87 -11.93 12.70 14.97
N MET B 88 -11.25 12.16 15.98
CA MET B 88 -11.73 11.04 16.75
C MET B 88 -11.67 11.47 18.21
N PRO B 89 -12.55 10.96 19.06
CA PRO B 89 -12.36 11.14 20.52
C PRO B 89 -11.21 10.27 21.02
N ASP B 90 -10.75 10.55 22.24
CA ASP B 90 -9.66 9.77 22.83
C ASP B 90 -10.01 8.28 22.85
N LYS B 91 -8.97 7.45 22.72
CA LYS B 91 -9.18 6.03 22.48
C LYS B 91 -9.99 5.36 23.59
N GLU B 92 -9.99 5.94 24.79
CA GLU B 92 -10.85 5.49 25.89
C GLU B 92 -11.95 6.49 26.20
N SER B 93 -12.29 7.35 25.25
CA SER B 93 -13.36 8.31 25.47
C SER B 93 -14.70 7.60 25.45
N MET B 94 -15.71 8.25 26.05
CA MET B 94 -17.03 7.64 26.09
C MET B 94 -17.49 7.21 24.71
N TYR B 95 -17.43 8.13 23.75
CA TYR B 95 -18.07 7.95 22.46
C TYR B 95 -17.18 7.30 21.41
N TYR B 96 -15.95 6.94 21.74
CA TYR B 96 -15.08 6.40 20.70
C TYR B 96 -15.72 5.24 19.95
N PRO B 97 -16.34 4.25 20.60
CA PRO B 97 -16.97 3.16 19.83
C PRO B 97 -18.09 3.63 18.92
N ARG B 98 -18.78 4.73 19.27
CA ARG B 98 -19.89 5.20 18.43
C ARG B 98 -19.36 5.83 17.14
N VAL B 99 -18.38 6.73 17.26
CA VAL B 99 -17.78 7.32 16.08
C VAL B 99 -17.24 6.22 15.17
N GLN B 100 -16.46 5.30 15.74
CA GLN B 100 -15.83 4.25 14.94
C GLN B 100 -16.86 3.27 14.37
N ARG B 101 -17.97 3.03 15.06
CA ARG B 101 -18.95 2.11 14.50
C ARG B 101 -19.51 2.65 13.20
N TYR B 102 -19.85 3.94 13.17
CA TYR B 102 -20.42 4.54 11.97
C TYR B 102 -19.36 4.63 10.87
N ARG B 103 -18.13 5.04 11.25
CA ARG B 103 -17.05 5.19 10.28
C ARG B 103 -16.85 3.89 9.50
N GLU B 104 -16.76 2.78 10.22
CA GLU B 104 -16.58 1.49 9.58
C GLU B 104 -17.82 1.11 8.77
N LEU B 105 -18.99 1.46 9.28
CA LEU B 105 -20.23 1.15 8.57
C LEU B 105 -20.28 1.85 7.22
N LEU B 106 -20.00 3.15 7.21
CA LEU B 106 -20.00 3.89 5.95
C LEU B 106 -18.82 3.47 5.08
N ASP B 107 -17.63 3.34 5.67
CA ASP B 107 -16.46 2.94 4.89
C ASP B 107 -16.61 1.55 4.31
N SER B 108 -17.59 0.80 4.76
CA SER B 108 -17.85 -0.52 4.22
C SER B 108 -18.76 -0.51 3.00
N LEU B 109 -19.41 0.61 2.69
CA LEU B 109 -20.33 0.62 1.58
C LEU B 109 -19.57 0.32 0.29
N PRO B 110 -20.12 -0.50 -0.60
CA PRO B 110 -19.44 -0.85 -1.85
C PRO B 110 -19.67 0.22 -2.91
N MET B 111 -18.96 1.33 -2.77
CA MET B 111 -19.21 2.47 -3.64
C MET B 111 -18.84 2.13 -5.06
N ASP B 112 -17.77 1.35 -5.23
CA ASP B 112 -17.37 0.91 -6.56
C ASP B 112 -18.50 0.18 -7.28
N ALA B 113 -19.35 -0.54 -6.55
CA ALA B 113 -20.44 -1.26 -7.19
C ALA B 113 -21.59 -0.32 -7.54
N TYR B 114 -21.89 0.63 -6.66
CA TYR B 114 -22.88 1.64 -6.99
C TYR B 114 -22.54 2.39 -8.28
N THR B 115 -21.26 2.58 -8.56
CA THR B 115 -20.88 3.37 -9.72
C THR B 115 -21.06 2.59 -11.02
N HIS B 116 -20.52 1.37 -11.11
CA HIS B 116 -20.72 0.66 -12.37
C HIS B 116 -22.19 0.37 -12.57
N GLY B 117 -22.94 0.17 -11.49
CA GLY B 117 -24.38 0.04 -11.63
C GLY B 117 -25.01 1.31 -12.17
N CYS B 118 -24.57 2.48 -11.70
CA CYS B 118 -25.08 3.73 -12.24
C CYS B 118 -24.97 3.73 -13.74
N ILE B 119 -23.83 3.26 -14.26
CA ILE B 119 -23.60 3.35 -15.69
C ILE B 119 -24.29 2.22 -16.42
N LEU B 120 -24.15 0.99 -15.91
CA LEU B 120 -24.71 -0.16 -16.63
C LEU B 120 -26.23 -0.14 -16.60
N HIS B 121 -26.83 0.32 -15.52
CA HIS B 121 -28.27 0.23 -15.31
C HIS B 121 -28.81 1.58 -14.88
N PRO B 122 -28.74 2.56 -15.78
CA PRO B 122 -29.17 3.92 -15.44
C PRO B 122 -30.65 4.00 -15.14
N GLU B 123 -31.43 3.01 -15.55
CA GLU B 123 -32.84 2.97 -15.21
C GLU B 123 -33.09 3.04 -13.70
N LEU B 124 -32.13 2.64 -12.88
CA LEU B 124 -32.29 2.64 -11.43
C LEU B 124 -31.86 3.95 -10.80
N THR B 125 -31.39 4.90 -11.60
CA THR B 125 -30.91 6.18 -11.15
C THR B 125 -31.98 7.24 -11.35
N VAL B 126 -31.77 8.39 -10.74
CA VAL B 126 -32.59 9.56 -11.02
C VAL B 126 -31.71 10.78 -11.04
N ASP B 127 -31.63 11.45 -12.18
CA ASP B 127 -30.79 12.64 -12.32
C ASP B 127 -29.33 12.30 -12.07
N SER B 128 -28.90 11.20 -12.67
CA SER B 128 -27.48 10.90 -12.76
C SER B 128 -26.75 12.06 -13.40
N MET B 129 -25.54 12.34 -12.92
CA MET B 129 -24.72 13.42 -13.45
C MET B 129 -23.71 12.91 -14.46
N ILE B 130 -23.78 11.65 -14.81
CA ILE B 130 -22.91 11.05 -15.81
C ILE B 130 -23.66 11.06 -17.13
N PRO B 131 -23.06 11.59 -18.21
CA PRO B 131 -23.78 11.62 -19.50
C PRO B 131 -24.17 10.23 -19.96
N ALA B 132 -25.31 10.18 -20.61
CA ALA B 132 -25.88 8.92 -21.10
C ALA B 132 -24.90 8.16 -21.99
N TYR B 133 -23.98 8.88 -22.64
CA TYR B 133 -23.14 8.19 -23.60
C TYR B 133 -22.09 7.30 -22.94
N ALA B 134 -21.96 7.36 -21.61
CA ALA B 134 -21.13 6.39 -20.93
C ALA B 134 -21.82 5.04 -20.85
N THR B 135 -23.15 5.03 -20.77
CA THR B 135 -23.83 3.75 -20.75
C THR B 135 -23.58 3.01 -22.05
N THR B 136 -23.54 3.73 -23.18
CA THR B 136 -23.38 3.03 -24.44
C THR B 136 -21.93 2.58 -24.65
N ARG B 137 -20.94 3.39 -24.25
CA ARG B 137 -19.54 3.01 -24.47
C ARG B 137 -19.11 1.91 -23.50
N ILE B 138 -19.46 2.05 -22.22
CA ILE B 138 -19.10 1.05 -21.22
C ILE B 138 -20.21 0.00 -21.21
N ARG B 139 -20.37 -0.73 -22.31
CA ARG B 139 -21.39 -1.76 -22.44
C ARG B 139 -21.29 -2.35 -23.83
N SER B 140 -21.31 -1.48 -24.84
CA SER B 140 -21.06 -1.90 -26.21
C SER B 140 -19.63 -2.43 -26.35
N GLN B 141 -18.64 -1.57 -26.10
CA GLN B 141 -17.23 -1.96 -26.13
C GLN B 141 -16.83 -2.56 -24.78
N ILE B 142 -17.50 -3.64 -24.42
CA ILE B 142 -17.27 -4.33 -23.15
C ILE B 142 -18.29 -5.48 -23.03
N LEU B 175 -18.46 -9.79 -7.70
CA LEU B 175 -19.46 -10.35 -8.57
C LEU B 175 -19.65 -9.50 -9.82
N ASP B 176 -20.58 -9.92 -10.67
CA ASP B 176 -21.00 -9.11 -11.80
C ASP B 176 -21.95 -8.01 -11.32
N HIS B 177 -21.52 -6.75 -11.43
CA HIS B 177 -22.41 -5.61 -11.21
C HIS B 177 -23.59 -5.65 -12.17
N ASP B 178 -23.47 -6.44 -13.25
CA ASP B 178 -24.51 -6.57 -14.27
C ASP B 178 -25.80 -7.15 -13.71
N ASN B 179 -25.72 -7.88 -12.62
CA ASN B 179 -26.91 -8.41 -11.97
C ASN B 179 -27.74 -7.24 -11.47
N VAL B 180 -28.85 -6.95 -12.16
CA VAL B 180 -29.72 -5.87 -11.71
C VAL B 180 -30.25 -6.20 -10.32
N LYS B 181 -30.51 -7.48 -10.05
CA LYS B 181 -30.94 -7.90 -8.71
C LYS B 181 -29.92 -7.56 -7.64
N TYR B 182 -28.63 -7.75 -7.94
CA TYR B 182 -27.61 -7.42 -6.96
C TYR B 182 -27.68 -5.95 -6.58
N LEU B 183 -27.66 -5.09 -7.60
CA LEU B 183 -27.70 -3.66 -7.39
C LEU B 183 -28.91 -3.26 -6.54
N LYS B 184 -30.07 -3.86 -6.82
CA LYS B 184 -31.29 -3.54 -6.07
C LYS B 184 -31.17 -3.98 -4.62
N LYS B 185 -30.38 -5.02 -4.37
CA LYS B 185 -30.12 -5.48 -3.00
C LYS B 185 -29.30 -4.48 -2.24
N ILE B 186 -28.13 -4.10 -2.78
CA ILE B 186 -27.23 -3.24 -2.05
C ILE B 186 -27.82 -1.85 -1.91
N LEU B 187 -28.69 -1.47 -2.84
CA LEU B 187 -29.39 -0.21 -2.72
C LEU B 187 -30.37 -0.27 -1.56
N ASP B 188 -30.99 -1.42 -1.34
CA ASP B 188 -31.82 -1.61 -0.16
C ASP B 188 -30.95 -1.72 1.09
N GLU B 189 -29.76 -2.30 0.97
CA GLU B 189 -28.85 -2.33 2.09
C GLU B 189 -28.42 -0.93 2.47
N LEU B 190 -28.20 -0.09 1.46
CA LEU B 190 -27.90 1.32 1.69
C LEU B 190 -29.07 2.00 2.36
N GLU B 191 -30.30 1.63 1.98
CA GLU B 191 -31.48 2.14 2.68
C GLU B 191 -31.38 1.84 4.17
N LYS B 192 -30.91 0.65 4.52
CA LYS B 192 -30.82 0.26 5.94
C LYS B 192 -29.81 1.10 6.68
N VAL B 193 -28.65 1.34 6.05
CA VAL B 193 -27.59 2.13 6.66
C VAL B 193 -28.08 3.56 6.90
N LEU B 194 -28.86 4.10 5.97
CA LEU B 194 -29.28 5.49 6.10
C LEU B 194 -30.44 5.66 7.07
N ASP B 195 -31.25 4.62 7.29
CA ASP B 195 -32.21 4.68 8.39
C ASP B 195 -31.46 4.84 9.71
N GLN B 196 -30.39 4.08 9.89
CA GLN B 196 -29.57 4.20 11.10
C GLN B 196 -29.06 5.63 11.27
N VAL B 197 -28.52 6.21 10.19
CA VAL B 197 -28.00 7.57 10.23
C VAL B 197 -29.11 8.56 10.50
N GLU B 198 -30.27 8.34 9.87
CA GLU B 198 -31.41 9.24 10.05
C GLU B 198 -31.85 9.26 11.49
N THR B 199 -31.91 8.09 12.13
CA THR B 199 -32.27 8.04 13.53
C THR B 199 -31.28 8.82 14.37
N GLU B 200 -29.99 8.62 14.09
CA GLU B 200 -28.94 9.25 14.90
C GLU B 200 -29.03 10.76 14.81
N LEU B 201 -29.38 11.28 13.64
CA LEU B 201 -29.50 12.73 13.46
C LEU B 201 -30.74 13.29 14.18
N GLN B 202 -31.81 12.50 14.29
CA GLN B 202 -32.94 12.95 15.09
C GLN B 202 -32.53 13.07 16.56
N ARG B 203 -31.68 12.13 17.03
CA ARG B 203 -31.19 12.19 18.39
C ARG B 203 -30.40 13.47 18.65
N ARG B 204 -29.73 14.03 17.62
CA ARG B 204 -28.96 15.27 17.81
C ARG B 204 -29.90 16.44 17.96
N ASN B 205 -30.98 16.35 17.17
CA ASN B 205 -32.08 17.38 17.38
C ASN B 205 -32.78 17.31 18.79
N GLU B 206 -33.18 16.15 19.18
CA GLU B 206 -33.76 16.29 20.50
C GLU B 206 -32.81 16.86 21.57
N GLU B 207 -31.56 16.39 21.60
CA GLU B 207 -30.69 16.66 22.72
C GLU B 207 -30.14 18.07 22.80
N THR B 208 -30.16 18.77 21.75
CA THR B 208 -29.50 20.06 21.62
C THR B 208 -30.58 21.12 21.61
N PRO B 209 -30.41 22.26 22.29
CA PRO B 209 -31.35 23.34 22.04
C PRO B 209 -31.34 23.46 20.53
N GLU B 210 -32.43 23.08 19.87
CA GLU B 210 -32.40 23.02 18.40
C GLU B 210 -32.22 24.40 17.75
N GLU B 211 -32.21 25.47 18.55
CA GLU B 211 -31.81 26.81 18.12
C GLU B 211 -30.40 27.10 18.67
N GLY B 212 -29.55 27.71 17.85
CA GLY B 212 -28.18 27.89 18.27
C GLY B 212 -27.31 26.99 17.40
N GLN B 213 -26.15 26.59 17.91
CA GLN B 213 -25.17 25.81 17.13
C GLN B 213 -25.50 24.31 17.19
N GLN B 214 -25.91 23.77 16.03
CA GLN B 214 -26.31 22.37 15.85
C GLN B 214 -25.11 21.44 15.81
N PRO B 215 -25.26 20.21 16.29
CA PRO B 215 -24.19 19.22 16.21
C PRO B 215 -24.18 18.45 14.88
N TRP B 216 -23.13 17.61 14.73
CA TRP B 216 -22.95 16.73 13.57
C TRP B 216 -23.44 15.31 13.90
N LEU B 217 -22.97 14.31 13.15
CA LEU B 217 -23.58 12.98 13.24
C LEU B 217 -23.50 12.42 14.65
N CYS B 218 -22.32 12.46 15.25
CA CYS B 218 -22.05 11.69 16.47
C CYS B 218 -21.93 12.56 17.72
N GLY B 219 -22.09 13.87 17.60
CA GLY B 219 -21.88 14.77 18.71
C GLY B 219 -21.56 16.13 18.16
N GLU B 220 -21.00 16.98 19.02
CA GLU B 220 -20.86 18.37 18.63
C GLU B 220 -19.80 18.55 17.54
N SER B 221 -18.71 17.77 17.60
CA SER B 221 -17.61 17.97 16.65
C SER B 221 -17.73 17.18 15.35
N PHE B 222 -17.14 17.76 14.28
CA PHE B 222 -16.94 17.06 13.01
C PHE B 222 -15.87 15.98 13.20
N THR B 223 -16.24 14.74 12.86
CA THR B 223 -15.44 13.54 13.11
C THR B 223 -15.04 12.86 11.79
N LEU B 224 -14.28 11.77 11.90
CA LEU B 224 -14.01 10.91 10.76
C LEU B 224 -15.28 10.23 10.24
N ALA B 225 -16.27 10.09 11.09
CA ALA B 225 -17.55 9.54 10.64
C ALA B 225 -18.28 10.53 9.77
N ASP B 226 -18.09 11.83 10.03
CA ASP B 226 -18.71 12.86 9.20
C ASP B 226 -18.06 12.88 7.81
N VAL B 227 -16.73 12.72 7.74
CA VAL B 227 -16.11 12.74 6.41
C VAL B 227 -16.63 11.58 5.60
N SER B 228 -16.63 10.38 6.19
CA SER B 228 -17.10 9.23 5.42
C SER B 228 -18.51 9.46 4.96
N LEU B 229 -19.35 10.02 5.82
CA LEU B 229 -20.73 10.28 5.46
C LEU B 229 -20.85 11.38 4.41
N ALA B 230 -20.18 12.51 4.62
CA ALA B 230 -20.33 13.61 3.68
C ALA B 230 -19.87 13.21 2.30
N VAL B 231 -18.73 12.52 2.22
CA VAL B 231 -18.21 12.18 0.91
C VAL B 231 -19.09 11.14 0.23
N THR B 232 -19.64 10.22 1.03
CA THR B 232 -20.53 9.20 0.51
C THR B 232 -21.80 9.81 -0.06
N LEU B 233 -22.45 10.69 0.71
CA LEU B 233 -23.65 11.35 0.19
C LEU B 233 -23.35 12.05 -1.12
N HIS B 234 -22.19 12.73 -1.22
CA HIS B 234 -21.91 13.54 -2.39
C HIS B 234 -21.73 12.67 -3.63
N ARG B 235 -21.16 11.47 -3.45
CA ARG B 235 -20.99 10.57 -4.58
C ARG B 235 -22.31 9.93 -4.98
N LEU B 236 -23.18 9.66 -4.02
CA LEU B 236 -24.51 9.15 -4.34
C LEU B 236 -25.32 10.16 -5.13
N LYS B 237 -25.23 11.44 -4.76
CA LYS B 237 -25.78 12.51 -5.59
C LYS B 237 -25.24 12.41 -7.00
N PHE B 238 -23.91 12.31 -7.14
CA PHE B 238 -23.32 12.28 -8.47
C PHE B 238 -23.91 11.14 -9.31
N LEU B 239 -24.18 10.00 -8.67
CA LEU B 239 -24.59 8.80 -9.40
C LEU B 239 -26.08 8.75 -9.67
N GLY B 240 -26.87 9.63 -9.07
CA GLY B 240 -28.31 9.57 -9.23
C GLY B 240 -29.00 8.76 -8.18
N PHE B 241 -28.41 8.60 -6.99
CA PHE B 241 -28.99 7.80 -5.92
C PHE B 241 -29.36 8.66 -4.73
N ALA B 242 -29.45 9.97 -4.93
CA ALA B 242 -29.86 10.83 -3.82
C ALA B 242 -31.37 10.88 -3.70
N ARG B 243 -32.10 10.93 -4.82
CA ARG B 243 -33.54 11.13 -4.73
C ARG B 243 -34.28 9.87 -4.27
N ARG B 244 -33.81 8.69 -4.67
CA ARG B 244 -34.37 7.45 -4.15
C ARG B 244 -34.22 7.35 -2.63
N ASN B 245 -33.26 8.05 -2.03
CA ASN B 245 -32.92 7.85 -0.63
C ASN B 245 -33.20 9.06 0.26
N TRP B 246 -33.30 10.27 -0.29
CA TRP B 246 -33.73 11.40 0.52
C TRP B 246 -34.35 12.47 -0.35
N GLY B 247 -34.99 13.44 0.26
CA GLY B 247 -35.74 14.39 -0.50
C GLY B 247 -37.20 13.97 -0.60
N ASN B 248 -38.05 14.93 -0.94
CA ASN B 248 -39.47 14.63 -1.08
C ASN B 248 -40.01 14.03 0.21
N GLY B 249 -39.60 14.60 1.34
CA GLY B 249 -40.09 14.12 2.61
C GLY B 249 -39.40 12.90 3.17
N LYS B 250 -38.58 12.21 2.37
CA LYS B 250 -37.84 11.05 2.85
C LYS B 250 -36.56 11.52 3.53
N ARG B 251 -36.20 10.83 4.61
CA ARG B 251 -35.02 11.06 5.45
C ARG B 251 -34.67 12.54 5.58
N PRO B 252 -35.54 13.33 6.18
CA PRO B 252 -35.31 14.80 6.23
C PRO B 252 -34.13 15.22 7.07
N ASN B 253 -33.71 14.46 8.07
CA ASN B 253 -32.50 14.87 8.78
C ASN B 253 -31.30 14.73 7.87
N LEU B 254 -31.24 13.63 7.11
CA LEU B 254 -30.17 13.40 6.16
C LEU B 254 -30.15 14.46 5.06
N GLU B 255 -31.33 14.83 4.56
CA GLU B 255 -31.37 15.89 3.57
C GLU B 255 -30.79 17.17 4.17
N THR B 256 -31.16 17.48 5.40
CA THR B 256 -30.69 18.67 6.09
C THR B 256 -29.19 18.60 6.34
N TYR B 257 -28.70 17.43 6.74
CA TYR B 257 -27.28 17.23 6.97
C TYR B 257 -26.51 17.44 5.68
N TYR B 258 -26.98 16.83 4.58
CA TYR B 258 -26.26 16.99 3.32
C TYR B 258 -26.16 18.46 2.97
N GLU B 259 -27.30 19.17 3.06
CA GLU B 259 -27.34 20.59 2.73
C GLU B 259 -26.41 21.41 3.62
N ARG B 260 -26.27 21.00 4.87
CA ARG B 260 -25.36 21.71 5.77
C ARG B 260 -23.91 21.48 5.34
N VAL B 261 -23.52 20.23 5.16
CA VAL B 261 -22.10 20.00 4.82
C VAL B 261 -21.73 20.69 3.52
N LEU B 262 -22.68 20.84 2.59
CA LEU B 262 -22.38 21.55 1.34
C LEU B 262 -21.94 22.99 1.59
N LYS B 263 -22.47 23.65 2.61
CA LYS B 263 -22.06 25.01 2.96
C LYS B 263 -20.86 25.07 3.91
N ARG B 264 -20.45 23.95 4.51
CA ARG B 264 -19.26 23.97 5.35
C ARG B 264 -18.03 24.36 4.55
N LYS B 265 -17.18 25.18 5.19
CA LYS B 265 -16.13 25.86 4.42
C LYS B 265 -15.13 24.86 3.89
N THR B 266 -14.70 23.93 4.72
CA THR B 266 -13.70 22.97 4.31
C THR B 266 -14.22 22.10 3.19
N PHE B 267 -15.42 21.52 3.36
CA PHE B 267 -16.01 20.71 2.32
C PHE B 267 -16.10 21.48 1.01
N ASN B 268 -16.66 22.67 1.06
CA ASN B 268 -16.83 23.40 -0.19
C ASN B 268 -15.50 23.72 -0.83
N LYS B 269 -14.50 24.08 -0.02
CA LYS B 269 -13.20 24.43 -0.57
C LYS B 269 -12.49 23.24 -1.21
N VAL B 270 -12.64 22.06 -0.64
CA VAL B 270 -11.93 20.89 -1.10
C VAL B 270 -12.75 20.12 -2.13
N LEU B 271 -14.06 20.00 -1.93
CA LEU B 271 -14.89 19.16 -2.77
C LEU B 271 -15.99 19.90 -3.50
N GLY B 272 -15.99 21.23 -3.50
CA GLY B 272 -17.13 21.96 -4.04
C GLY B 272 -17.43 21.62 -5.49
N HIS B 273 -16.40 21.30 -6.27
CA HIS B 273 -16.49 21.17 -7.72
C HIS B 273 -16.38 19.73 -8.22
N VAL B 274 -16.25 18.75 -7.33
CA VAL B 274 -15.83 17.41 -7.71
C VAL B 274 -16.91 16.65 -8.45
N ASN B 275 -18.15 17.14 -8.42
CA ASN B 275 -19.27 16.58 -9.15
C ASN B 275 -19.53 17.28 -10.45
N ASN B 276 -18.73 18.28 -10.77
CA ASN B 276 -18.97 19.12 -11.93
C ASN B 276 -18.25 18.54 -13.14
N ILE B 277 -18.97 17.99 -14.09
CA ILE B 277 -18.26 17.38 -15.21
C ILE B 277 -17.64 18.38 -16.19
N LEU B 278 -17.86 19.68 -16.00
CA LEU B 278 -17.20 20.64 -16.86
C LEU B 278 -15.75 20.93 -16.48
N ILE B 279 -15.32 20.48 -15.32
CA ILE B 279 -14.05 20.85 -14.73
C ILE B 279 -13.20 19.59 -14.78
N SER B 280 -12.03 19.71 -15.41
CA SER B 280 -11.18 18.52 -15.55
C SER B 280 -10.58 18.04 -14.25
C1 PEG C . 32.62 -2.79 7.29
O1 PEG C . 31.72 -3.62 6.56
C2 PEG C . 32.40 -2.76 8.83
O2 PEG C . 32.71 -4.03 9.36
C3 PEG C . 32.67 -4.17 10.75
C4 PEG C . 32.87 -5.65 11.18
O4 PEG C . 33.97 -5.87 12.05
H11 PEG C . 32.53 -1.90 6.96
H12 PEG C . 33.52 -3.12 7.13
HO1 PEG C . 31.86 -4.45 6.76
H21 PEG C . 31.48 -2.55 9.02
H22 PEG C . 32.99 -2.10 9.22
H31 PEG C . 31.80 -3.86 11.08
H32 PEG C . 33.37 -3.64 11.15
H41 PEG C . 33.00 -6.18 10.38
H42 PEG C . 32.06 -5.94 11.63
HO4 PEG C . 34.68 -5.55 11.71
C1 PEG D . 38.00 -9.17 15.38
O1 PEG D . 39.13 -9.89 14.96
C2 PEG D . 38.10 -7.74 14.81
O2 PEG D . 39.31 -7.45 14.13
C3 PEG D . 39.34 -6.14 13.59
C4 PEG D . 38.33 -6.03 12.44
O4 PEG D . 37.05 -5.53 12.79
H11 PEG D . 37.97 -9.14 16.36
H12 PEG D . 37.18 -9.60 15.06
HO1 PEG D . 39.28 -9.73 14.13
H21 PEG D . 38.01 -7.12 15.56
H22 PEG D . 37.37 -7.61 14.19
H31 PEG D . 40.24 -5.95 13.26
H32 PEG D . 39.11 -5.50 14.29
H41 PEG D . 38.22 -6.92 12.06
H42 PEG D . 38.71 -5.45 11.76
HO4 PEG D . 36.48 -6.17 12.84
#